data_8GMB
#
_entry.id   8GMB
#
_cell.length_a   125.718
_cell.length_b   125.718
_cell.length_c   110.091
_cell.angle_alpha   90.000
_cell.angle_beta   90.000
_cell.angle_gamma   120.000
#
_symmetry.space_group_name_H-M   'P 31 2 1'
#
loop_
_entity.id
_entity.type
_entity.pdbx_description
1 polymer 'Tyrosine-protein kinase BTK'
2 non-polymer "2-[3'-(hydroxymethyl)-1-methyl-5-({5-[(2S)-2-methyl-4-(oxetan-3-yl)piperazin-1-yl]pyridin-2-yl}amino)-6-oxo[1,6-dihydro[3,4'-bipyridine]]-2'-yl]-7,7-dimethyl-3,4,7,8-tetrahydro-2H-cyclopenta[4,5]pyrrolo[1,2-a]pyrazin-1(6H)-one"
#
_entity_poly.entity_id   1
_entity_poly.type   'polypeptide(L)'
_entity_poly.pdbx_seq_one_letter_code
;MAAVILESIFLKRSQQKKKTSPLNFKKRLFLLTVHKLSYYEYDFERGRRGSKKGSIDVEKITCVETVIPEKNPPPERQIP
RRGEESSEMEQISIIERFPYPFQVVYDEGPLYVFSPTEELRKRWIHQLKNVIRYNSDLVQKYHPCFWIDGQYLCCSQTAK
NAMGCQILENRNGSLKPGSSHRKTKKPLPPTPEEDQILKKPLPPEPTAAPISTTELKKVVALYDYMPMNANDLQLRKGEE
YFILEESNLPWWRARDKNGQEGYIPSNYITEAEDSIEMYEWYSKHMTRSQAEQLLKQAGAAGGFIVRDSSKAGKYTVSVF
AKSTGEPQGVIRHYVVCSTPQSQYYLAEKHLFSTIPELINYHQHNSAGLISRLKYPVSKQNKNPPPPPGFGYGSWEIDPK
DLTFLKELGTGQFGVVKYGKWRGQYDVAIRMIREGSMSEDEFIEEAKVMMNLSHEKLVQLYGVCTKQRPIFIITEYMANG
CLLNYLREMRHRFQTQQLLEMCKDVCEAMEYLESKQFLHRDLAARNCLVNDQGVVKVSDFGMTRYVLDDEYTSSTGSKFP
VKWASPEVLMYSKFSSKSDIWAFGVLMWEIYSLGKMPYERFTNSETAEHIAQGLRLPRPHLASERVYTIMYSCWHEKADE
RPSFKILLSNILDVMDEES
;
_entity_poly.pdbx_strand_id   A
#
# COMPACT_ATOMS: atom_id res chain seq x y z
N THR A 214 -29.84 32.95 41.31
CA THR A 214 -28.96 32.79 40.15
C THR A 214 -28.27 31.43 40.16
N GLU A 215 -27.11 31.34 39.52
CA GLU A 215 -26.37 30.09 39.47
C GLU A 215 -25.91 29.69 40.87
N LEU A 216 -25.88 28.38 41.11
CA LEU A 216 -25.49 27.82 42.40
C LEU A 216 -24.14 27.15 42.28
N LYS A 217 -23.33 27.26 43.34
CA LYS A 217 -22.00 26.68 43.40
C LYS A 217 -21.98 25.54 44.41
N LYS A 218 -21.11 24.57 44.18
CA LYS A 218 -20.99 23.42 45.06
C LYS A 218 -19.53 22.95 45.07
N VAL A 219 -19.11 22.42 46.22
CA VAL A 219 -17.75 21.94 46.40
C VAL A 219 -17.80 20.67 47.26
N VAL A 220 -16.66 20.00 47.35
CA VAL A 220 -16.52 18.79 48.14
C VAL A 220 -15.78 19.13 49.43
N ALA A 221 -15.95 18.28 50.43
CA ALA A 221 -15.33 18.48 51.74
C ALA A 221 -13.93 17.88 51.69
N LEU A 222 -12.92 18.73 51.47
CA LEU A 222 -11.54 18.28 51.46
C LEU A 222 -11.20 17.55 52.76
N TYR A 223 -11.47 18.19 53.90
CA TYR A 223 -11.25 17.58 55.21
C TYR A 223 -12.51 17.70 56.04
N ASP A 224 -12.41 17.38 57.33
CA ASP A 224 -13.51 17.49 58.27
C ASP A 224 -13.20 18.58 59.30
N TYR A 225 -14.20 19.39 59.61
CA TYR A 225 -14.04 20.51 60.53
C TYR A 225 -15.18 20.52 61.53
N MET A 226 -14.84 20.70 62.81
CA MET A 226 -15.84 20.81 63.87
C MET A 226 -15.99 22.27 64.25
N PRO A 227 -17.20 22.86 64.17
CA PRO A 227 -17.33 24.30 64.44
C PRO A 227 -16.81 24.70 65.80
N MET A 228 -15.68 25.43 65.82
CA MET A 228 -15.20 26.04 67.04
C MET A 228 -15.99 27.28 67.41
N ASN A 229 -16.90 27.73 66.54
CA ASN A 229 -17.67 28.94 66.76
C ASN A 229 -19.10 28.70 66.30
N ALA A 230 -20.03 29.38 66.97
CA ALA A 230 -21.45 29.22 66.65
C ALA A 230 -21.76 29.60 65.21
N ASN A 231 -20.95 30.47 64.60
CA ASN A 231 -21.16 30.92 63.24
C ASN A 231 -20.48 30.03 62.20
N ASP A 232 -20.10 28.81 62.58
CA ASP A 232 -19.42 27.88 61.70
C ASP A 232 -20.31 26.69 61.38
N LEU A 233 -19.95 25.98 60.32
CA LEU A 233 -20.66 24.78 59.88
C LEU A 233 -19.70 23.60 59.89
N GLN A 234 -20.22 22.43 60.24
CA GLN A 234 -19.39 21.23 60.38
C GLN A 234 -19.13 20.64 59.00
N LEU A 235 -17.87 20.68 58.58
CA LEU A 235 -17.44 20.02 57.35
C LEU A 235 -17.09 18.56 57.64
N ARG A 236 -17.41 17.69 56.69
CA ARG A 236 -17.14 16.26 56.84
C ARG A 236 -16.63 15.74 55.51
N LYS A 237 -15.39 15.25 55.50
CA LYS A 237 -14.74 14.80 54.28
C LYS A 237 -15.66 13.88 53.48
N GLY A 238 -15.94 14.27 52.24
CA GLY A 238 -16.79 13.52 51.35
C GLY A 238 -18.20 14.07 51.22
N GLU A 239 -18.63 14.91 52.15
CA GLU A 239 -19.97 15.50 52.11
C GLU A 239 -19.92 16.80 51.33
N GLU A 240 -20.49 16.79 50.12
CA GLU A 240 -20.52 17.99 49.30
C GLU A 240 -21.37 19.06 49.96
N TYR A 241 -20.97 20.32 49.78
CA TYR A 241 -21.67 21.47 50.33
C TYR A 241 -21.83 22.53 49.25
N PHE A 242 -23.01 23.16 49.24
CA PHE A 242 -23.34 24.16 48.22
C PHE A 242 -23.02 25.54 48.79
N ILE A 243 -22.00 26.19 48.24
CA ILE A 243 -21.61 27.52 48.71
C ILE A 243 -22.73 28.50 48.42
N LEU A 244 -23.19 29.19 49.47
CA LEU A 244 -24.28 30.15 49.30
C LEU A 244 -23.80 31.49 48.75
N GLU A 245 -22.60 31.91 49.15
CA GLU A 245 -22.02 33.16 48.67
C GLU A 245 -20.54 32.97 48.41
N GLU A 246 -20.03 33.68 47.41
CA GLU A 246 -18.63 33.60 47.02
C GLU A 246 -18.00 34.97 47.20
N SER A 247 -16.86 35.00 47.90
CA SER A 247 -16.14 36.23 48.17
C SER A 247 -14.64 35.93 48.12
N ASN A 248 -13.84 36.89 48.56
CA ASN A 248 -12.39 36.73 48.66
C ASN A 248 -11.92 36.45 50.08
N LEU A 249 -12.84 36.46 51.05
CA LEU A 249 -12.47 36.21 52.44
C LEU A 249 -12.09 34.75 52.62
N PRO A 250 -11.47 34.41 53.75
CA PRO A 250 -11.07 33.01 53.97
C PRO A 250 -12.20 32.09 54.37
N TRP A 251 -13.33 32.62 54.83
CA TRP A 251 -14.49 31.83 55.22
C TRP A 251 -15.68 32.24 54.37
N TRP A 252 -16.46 31.26 53.92
CA TRP A 252 -17.64 31.52 53.10
C TRP A 252 -18.81 30.68 53.62
N ARG A 253 -20.01 31.23 53.48
CA ARG A 253 -21.21 30.53 53.95
C ARG A 253 -21.67 29.53 52.90
N ALA A 254 -21.97 28.31 53.36
CA ALA A 254 -22.48 27.25 52.51
C ALA A 254 -23.65 26.58 53.21
N ARG A 255 -24.27 25.64 52.50
CA ARG A 255 -25.38 24.85 53.02
C ARG A 255 -25.09 23.37 52.76
N ASP A 256 -25.59 22.53 53.66
CA ASP A 256 -25.35 21.09 53.60
C ASP A 256 -26.60 20.36 53.13
N LYS A 257 -26.40 19.10 52.72
CA LYS A 257 -27.53 18.28 52.28
C LYS A 257 -28.55 18.10 53.39
N ASN A 258 -28.10 18.02 54.64
CA ASN A 258 -29.01 17.89 55.76
C ASN A 258 -29.91 19.12 55.90
N GLY A 259 -29.49 20.27 55.37
CA GLY A 259 -30.27 21.48 55.42
C GLY A 259 -29.70 22.58 56.29
N GLN A 260 -28.58 22.32 56.97
CA GLN A 260 -27.95 23.32 57.83
C GLN A 260 -26.97 24.15 57.02
N GLU A 261 -26.88 25.44 57.35
CA GLU A 261 -26.01 26.37 56.65
C GLU A 261 -25.16 27.13 57.66
N GLY A 262 -24.02 27.60 57.19
CA GLY A 262 -23.12 28.37 58.03
C GLY A 262 -21.82 28.65 57.31
N TYR A 263 -20.99 29.47 57.95
CA TYR A 263 -19.69 29.79 57.41
C TYR A 263 -18.72 28.62 57.61
N ILE A 264 -17.84 28.44 56.62
CA ILE A 264 -16.89 27.33 56.63
C ILE A 264 -15.60 27.80 55.99
N PRO A 265 -14.48 27.15 56.35
CA PRO A 265 -13.17 27.60 55.81
C PRO A 265 -13.06 27.36 54.32
N SER A 266 -12.39 28.29 53.63
CA SER A 266 -12.15 28.16 52.21
C SER A 266 -11.07 27.14 51.90
N ASN A 267 -10.22 26.80 52.87
CA ASN A 267 -9.15 25.84 52.68
C ASN A 267 -9.63 24.40 52.75
N TYR A 268 -10.94 24.18 52.87
CA TYR A 268 -11.50 22.84 52.97
C TYR A 268 -12.42 22.48 51.81
N ILE A 269 -12.57 23.38 50.84
CA ILE A 269 -13.50 23.18 49.73
C ILE A 269 -12.72 22.77 48.48
N THR A 270 -13.36 21.95 47.65
CA THR A 270 -12.79 21.49 46.39
C THR A 270 -13.81 21.73 45.29
N GLU A 271 -13.44 22.53 44.29
CA GLU A 271 -14.33 22.81 43.18
C GLU A 271 -14.75 21.52 42.49
N ALA A 272 -15.91 21.57 41.82
CA ALA A 272 -16.39 20.42 41.08
C ALA A 272 -15.34 19.92 40.10
N GLU A 273 -14.78 20.84 39.30
CA GLU A 273 -13.68 20.48 38.42
C GLU A 273 -12.41 20.20 39.20
N ASP A 274 -12.34 20.60 40.46
CA ASP A 274 -11.20 20.33 41.33
C ASP A 274 -11.23 18.92 41.91
N SER A 275 -12.09 18.04 41.39
CA SER A 275 -12.14 16.66 41.88
C SER A 275 -10.79 15.98 41.76
N ILE A 276 -9.90 16.45 40.88
CA ILE A 276 -8.56 15.89 40.78
C ILE A 276 -7.92 15.82 42.16
N GLU A 277 -8.00 16.92 42.91
CA GLU A 277 -7.47 16.92 44.28
C GLU A 277 -8.36 16.10 45.21
N MET A 278 -9.66 16.02 44.92
CA MET A 278 -10.56 15.22 45.75
C MET A 278 -10.20 13.74 45.73
N TYR A 279 -9.47 13.29 44.71
CA TYR A 279 -9.07 11.90 44.61
C TYR A 279 -7.82 11.64 45.47
N GLU A 280 -7.53 10.37 45.69
CA GLU A 280 -6.40 9.95 46.50
C GLU A 280 -5.18 9.56 45.68
N TRP A 281 -5.06 10.10 44.47
CA TRP A 281 -3.94 9.80 43.58
C TRP A 281 -3.19 11.05 43.16
N TYR A 282 -3.89 12.05 42.60
CA TYR A 282 -3.23 13.28 42.20
C TYR A 282 -2.52 13.93 43.38
N SER A 283 -1.28 14.34 43.16
CA SER A 283 -0.44 14.97 44.20
C SER A 283 0.39 16.05 43.52
N LYS A 284 -0.11 17.29 43.56
CA LYS A 284 0.61 18.39 42.94
C LYS A 284 2.02 18.53 43.50
N HIS A 285 2.19 18.25 44.79
CA HIS A 285 3.51 18.36 45.39
C HIS A 285 4.46 17.27 44.91
N MET A 286 3.92 16.10 44.55
CA MET A 286 4.76 15.01 44.08
C MET A 286 5.55 15.43 42.85
N THR A 287 6.82 15.05 42.82
CA THR A 287 7.72 15.34 41.72
C THR A 287 8.16 14.03 41.07
N ARG A 288 9.02 14.15 40.06
CA ARG A 288 9.55 12.97 39.38
C ARG A 288 10.61 12.24 40.20
N SER A 289 11.03 12.80 41.34
CA SER A 289 11.96 12.14 42.24
C SER A 289 11.28 11.70 43.52
N GLN A 290 10.66 12.63 44.25
CA GLN A 290 9.94 12.27 45.47
C GLN A 290 8.94 11.16 45.21
N ALA A 291 8.25 11.22 44.06
CA ALA A 291 7.26 10.19 43.74
C ALA A 291 7.92 8.82 43.63
N GLU A 292 9.12 8.75 43.06
CA GLU A 292 9.84 7.49 42.97
C GLU A 292 10.38 7.06 44.33
N GLN A 293 10.61 7.99 45.25
CA GLN A 293 11.08 7.64 46.58
C GLN A 293 9.95 7.07 47.43
N LEU A 294 8.74 7.62 47.29
CA LEU A 294 7.58 7.07 47.97
C LEU A 294 7.04 5.82 47.29
N LEU A 295 7.30 5.65 46.00
CA LEU A 295 6.88 4.43 45.30
C LEU A 295 7.83 3.28 45.59
N LYS A 296 9.09 3.57 45.88
CA LYS A 296 10.03 2.51 46.26
C LYS A 296 9.75 2.04 47.69
N GLN A 297 9.46 2.98 48.59
CA GLN A 297 9.09 2.60 49.96
C GLN A 297 7.75 1.86 49.96
N ALA A 298 6.85 2.21 49.05
CA ALA A 298 5.59 1.49 48.95
C ALA A 298 5.79 0.08 48.42
N GLY A 299 6.77 -0.10 47.52
CA GLY A 299 7.12 -1.39 46.95
C GLY A 299 6.05 -2.46 46.99
N GLY A 302 2.90 -2.59 41.88
CA GLY A 302 2.87 -1.40 41.07
C GLY A 302 1.87 -0.37 41.56
N GLY A 303 2.38 0.68 42.19
CA GLY A 303 1.54 1.70 42.79
C GLY A 303 1.32 2.88 41.86
N PHE A 304 0.06 3.07 41.46
CA PHE A 304 -0.29 4.15 40.54
C PHE A 304 -0.47 5.44 41.35
N ILE A 305 0.45 6.38 41.16
CA ILE A 305 0.41 7.67 41.84
C ILE A 305 0.48 8.78 40.80
N VAL A 306 -0.44 9.73 40.86
CA VAL A 306 -0.52 10.83 39.91
C VAL A 306 0.02 12.09 40.57
N ARG A 307 0.70 12.92 39.78
CA ARG A 307 1.26 14.18 40.25
C ARG A 307 1.08 15.23 39.17
N ASP A 308 1.20 16.49 39.58
CA ASP A 308 1.05 17.61 38.66
C ASP A 308 2.39 17.92 37.98
N SER A 309 2.31 18.23 36.69
CA SER A 309 3.51 18.56 35.91
C SER A 309 3.14 18.93 34.49
N LYS A 314 -0.39 17.74 31.21
CA LYS A 314 -0.21 18.66 32.33
C LYS A 314 -0.02 17.91 33.64
N TYR A 315 0.10 16.59 33.57
CA TYR A 315 0.28 15.76 34.75
C TYR A 315 1.20 14.60 34.40
N THR A 316 1.54 13.81 35.42
CA THR A 316 2.40 12.64 35.26
C THR A 316 1.89 11.54 36.17
N VAL A 317 2.22 10.30 35.81
CA VAL A 317 1.82 9.12 36.56
C VAL A 317 3.03 8.24 36.78
N SER A 318 3.05 7.57 37.93
CA SER A 318 4.15 6.69 38.32
C SER A 318 3.59 5.35 38.78
N VAL A 319 4.25 4.27 38.34
CA VAL A 319 3.87 2.91 38.71
C VAL A 319 5.13 2.13 39.03
N PHE A 320 4.99 1.16 39.93
CA PHE A 320 6.10 0.33 40.38
C PHE A 320 6.08 -1.02 39.68
N ALA A 321 7.23 -1.70 39.70
CA ALA A 321 7.39 -2.99 39.06
C ALA A 321 7.68 -4.05 40.11
N LYS A 322 6.97 -5.16 40.03
CA LYS A 322 7.15 -6.27 40.98
C LYS A 322 8.09 -7.32 40.40
N GLY A 325 10.04 -12.02 41.81
CA GLY A 325 10.57 -11.70 40.50
C GLY A 325 10.96 -10.24 40.37
N GLU A 326 12.16 -10.01 39.83
CA GLU A 326 12.67 -8.65 39.65
C GLU A 326 12.67 -7.90 40.96
N PRO A 327 13.47 -8.35 41.95
CA PRO A 327 13.51 -7.63 43.23
C PRO A 327 14.02 -6.21 43.11
N GLN A 328 14.88 -5.91 42.14
CA GLN A 328 15.36 -4.56 41.91
C GLN A 328 14.21 -3.71 41.39
N GLY A 329 13.61 -2.93 42.28
CA GLY A 329 12.45 -2.12 41.93
C GLY A 329 12.66 -1.26 40.70
N VAL A 330 11.71 -1.30 39.78
CA VAL A 330 11.74 -0.52 38.55
C VAL A 330 10.53 0.42 38.56
N ILE A 331 10.79 1.71 38.38
CA ILE A 331 9.75 2.73 38.39
C ILE A 331 9.66 3.36 37.01
N ARG A 332 8.42 3.68 36.59
CA ARG A 332 8.16 4.34 35.33
C ARG A 332 7.50 5.68 35.58
N HIS A 333 7.83 6.67 34.76
CA HIS A 333 7.28 8.02 34.86
C HIS A 333 6.48 8.31 33.59
N TYR A 334 5.26 7.81 33.55
CA TYR A 334 4.39 8.01 32.39
C TYR A 334 3.70 9.38 32.50
N VAL A 335 3.97 10.26 31.54
CA VAL A 335 3.42 11.60 31.53
C VAL A 335 2.06 11.59 30.85
N VAL A 336 1.15 12.42 31.33
CA VAL A 336 -0.20 12.53 30.79
C VAL A 336 -0.24 13.73 29.85
N CYS A 337 -0.58 13.49 28.59
CA CYS A 337 -0.64 14.54 27.58
C CYS A 337 -2.06 15.09 27.48
N SER A 338 -2.16 16.35 27.06
CA SER A 338 -3.43 17.06 26.98
C SER A 338 -3.71 17.41 25.53
N THR A 339 -4.84 16.94 25.01
CA THR A 339 -5.24 17.24 23.65
C THR A 339 -5.64 18.71 23.54
N PRO A 340 -5.40 19.34 22.38
CA PRO A 340 -5.87 20.72 22.20
C PRO A 340 -7.38 20.86 22.28
N GLN A 341 -8.13 19.76 22.19
CA GLN A 341 -9.58 19.77 22.25
C GLN A 341 -10.11 19.46 23.65
N SER A 342 -9.33 19.76 24.69
CA SER A 342 -9.71 19.60 26.09
C SER A 342 -9.71 18.16 26.55
N GLN A 343 -9.28 17.21 25.72
CA GLN A 343 -9.23 15.82 26.10
C GLN A 343 -7.88 15.50 26.74
N TYR A 344 -7.71 14.25 27.19
CA TYR A 344 -6.47 13.83 27.82
C TYR A 344 -6.12 12.42 27.35
N TYR A 345 -4.83 12.16 27.20
CA TYR A 345 -4.33 10.86 26.75
C TYR A 345 -2.95 10.64 27.34
N LEU A 346 -2.26 9.62 26.83
CA LEU A 346 -0.93 9.27 27.34
C LEU A 346 -0.04 8.87 26.17
N ALA A 347 1.19 9.39 26.17
CA ALA A 347 2.17 9.07 25.14
C ALA A 347 2.79 7.71 25.43
N GLU A 348 1.98 6.67 25.24
CA GLU A 348 2.42 5.30 25.46
C GLU A 348 1.77 4.40 24.41
N LYS A 349 2.57 3.51 23.84
CA LYS A 349 2.11 2.55 22.85
C LYS A 349 2.25 1.14 23.42
N HIS A 350 1.29 0.27 23.09
CA HIS A 350 1.34 -1.09 23.60
C HIS A 350 2.56 -1.83 23.09
N LEU A 351 3.06 -1.48 21.91
CA LEU A 351 4.31 -2.00 21.38
C LEU A 351 4.21 -3.50 21.08
N PHE A 352 3.12 -3.88 20.41
CA PHE A 352 2.94 -5.28 20.03
C PHE A 352 3.97 -5.66 18.98
N SER A 353 4.85 -6.60 19.32
CA SER A 353 5.84 -7.10 18.38
C SER A 353 5.25 -8.10 17.39
N THR A 354 3.93 -8.32 17.43
CA THR A 354 3.28 -9.28 16.55
C THR A 354 1.99 -8.67 16.03
N ILE A 355 1.88 -8.53 14.71
CA ILE A 355 0.70 -7.92 14.11
C ILE A 355 -0.58 -8.69 14.46
N PRO A 356 -0.64 -10.01 14.29
CA PRO A 356 -1.87 -10.73 14.69
C PRO A 356 -2.13 -10.66 16.18
N GLU A 357 -1.09 -10.56 17.01
CA GLU A 357 -1.32 -10.36 18.44
C GLU A 357 -2.00 -9.03 18.70
N LEU A 358 -1.56 -7.96 18.02
CA LEU A 358 -2.23 -6.69 18.15
C LEU A 358 -3.67 -6.77 17.64
N ILE A 359 -3.87 -7.49 16.54
CA ILE A 359 -5.22 -7.63 15.97
C ILE A 359 -6.13 -8.34 16.96
N ASN A 360 -5.60 -9.35 17.67
CA ASN A 360 -6.38 -10.04 18.68
C ASN A 360 -6.66 -9.14 19.87
N TYR A 361 -5.67 -8.35 20.29
CA TYR A 361 -5.88 -7.42 21.39
C TYR A 361 -7.01 -6.45 21.07
N HIS A 362 -6.90 -5.74 19.95
CA HIS A 362 -7.99 -4.84 19.54
C HIS A 362 -9.27 -5.61 19.32
N GLN A 363 -9.18 -6.90 18.99
CA GLN A 363 -10.38 -7.70 18.80
C GLN A 363 -11.15 -7.87 20.10
N HIS A 364 -10.45 -7.89 21.24
CA HIS A 364 -11.08 -8.06 22.55
C HIS A 364 -10.90 -6.83 23.43
N ASN A 365 -10.69 -5.66 22.83
CA ASN A 365 -10.48 -4.44 23.60
C ASN A 365 -10.95 -3.25 22.76
N SER A 366 -10.94 -2.08 23.38
CA SER A 366 -11.35 -0.85 22.72
C SER A 366 -10.16 -0.12 22.10
N ALA A 367 -9.18 0.24 22.92
CA ALA A 367 -7.98 0.93 22.46
C ALA A 367 -8.30 2.21 21.70
N GLY A 368 -9.37 2.88 22.08
CA GLY A 368 -9.75 4.12 21.42
C GLY A 368 -10.06 3.95 19.95
N LEU A 369 -10.67 2.83 19.58
CA LEU A 369 -11.02 2.55 18.20
C LEU A 369 -12.53 2.73 18.00
N ILE A 370 -12.92 2.96 16.74
CA ILE A 370 -14.33 3.11 16.42
C ILE A 370 -15.11 1.86 16.86
N SER A 371 -14.46 0.71 16.86
CA SER A 371 -15.09 -0.53 17.29
C SER A 371 -13.99 -1.58 17.45
N ARG A 372 -14.34 -2.67 18.11
CA ARG A 372 -13.40 -3.76 18.30
C ARG A 372 -13.10 -4.45 16.97
N LEU A 373 -11.84 -4.86 16.81
CA LEU A 373 -11.41 -5.54 15.59
C LEU A 373 -11.87 -7.00 15.59
N LYS A 374 -13.19 -7.17 15.57
CA LYS A 374 -13.82 -8.49 15.63
C LYS A 374 -14.79 -8.69 14.49
N TYR A 375 -14.50 -8.09 13.33
CA TYR A 375 -15.33 -8.24 12.13
C TYR A 375 -14.40 -8.32 10.93
N PRO A 376 -13.88 -9.51 10.64
CA PRO A 376 -12.97 -9.65 9.48
C PRO A 376 -13.63 -9.18 8.19
N VAL A 377 -12.84 -8.54 7.34
CA VAL A 377 -13.31 -8.05 6.05
C VAL A 377 -12.61 -8.83 4.94
N SER A 378 -13.07 -10.04 4.68
CA SER A 378 -12.53 -10.90 3.65
C SER A 378 -13.56 -11.09 2.54
N LYS A 379 -13.11 -11.69 1.44
CA LYS A 379 -13.95 -11.92 0.28
C LYS A 379 -14.01 -13.42 -0.03
N GLN A 380 -15.13 -13.84 -0.62
CA GLN A 380 -15.32 -15.23 -1.01
C GLN A 380 -14.90 -15.49 -2.45
N ASN A 381 -14.57 -14.45 -3.22
CA ASN A 381 -14.15 -14.61 -4.60
C ASN A 381 -12.63 -14.79 -4.66
N LYS A 382 -12.19 -15.95 -4.17
CA LYS A 382 -10.79 -16.32 -4.12
C LYS A 382 -10.54 -17.43 -5.13
N ASN A 383 -9.75 -17.13 -6.16
CA ASN A 383 -9.43 -18.10 -7.20
C ASN A 383 -7.95 -18.46 -7.12
N PRO A 384 -7.60 -19.74 -7.19
CA PRO A 384 -6.18 -20.12 -7.15
C PRO A 384 -5.39 -19.42 -8.24
N PRO A 385 -4.07 -19.33 -8.10
CA PRO A 385 -3.27 -18.62 -9.10
C PRO A 385 -3.00 -19.50 -10.31
N PRO A 386 -2.39 -18.95 -11.35
CA PRO A 386 -2.06 -19.76 -12.53
C PRO A 386 -1.10 -20.89 -12.17
N PRO A 387 -1.45 -22.13 -12.47
CA PRO A 387 -0.51 -23.24 -12.20
C PRO A 387 0.76 -23.06 -13.00
N PRO A 388 1.92 -22.97 -12.33
CA PRO A 388 3.19 -22.87 -13.09
C PRO A 388 3.36 -24.09 -13.98
N GLY A 389 2.67 -24.08 -15.12
CA GLY A 389 2.64 -25.24 -15.99
C GLY A 389 1.57 -26.24 -15.57
N PHE A 390 0.98 -26.90 -16.56
CA PHE A 390 -0.04 -27.92 -16.31
C PHE A 390 0.65 -29.22 -15.88
N GLY A 391 1.26 -29.17 -14.70
CA GLY A 391 1.93 -30.32 -14.15
C GLY A 391 3.44 -30.09 -14.07
N TYR A 392 4.06 -30.76 -13.10
CA TYR A 392 5.50 -30.65 -12.94
C TYR A 392 6.23 -31.40 -14.06
N GLY A 393 7.26 -30.77 -14.60
CA GLY A 393 7.98 -31.36 -15.72
C GLY A 393 7.12 -31.61 -16.93
N SER A 394 5.94 -30.99 -16.99
CA SER A 394 5.02 -31.19 -18.11
C SER A 394 5.21 -30.07 -19.14
N TRP A 395 6.38 -30.11 -19.79
CA TRP A 395 6.71 -29.08 -20.76
C TRP A 395 5.94 -29.27 -22.06
N GLU A 396 5.61 -30.52 -22.41
CA GLU A 396 4.95 -30.84 -23.66
C GLU A 396 3.47 -31.08 -23.41
N ILE A 397 2.63 -30.17 -23.92
CA ILE A 397 1.19 -30.32 -23.79
C ILE A 397 0.69 -31.30 -24.85
N ASP A 398 -0.39 -31.99 -24.53
CA ASP A 398 -0.98 -32.96 -25.45
C ASP A 398 -2.11 -32.30 -26.22
N PRO A 399 -1.99 -32.10 -27.54
CA PRO A 399 -3.11 -31.54 -28.30
C PRO A 399 -4.43 -32.24 -28.05
N LYS A 400 -4.40 -33.54 -27.75
CA LYS A 400 -5.63 -34.25 -27.43
C LYS A 400 -6.32 -33.64 -26.22
N ASP A 401 -5.53 -33.26 -25.20
CA ASP A 401 -6.12 -32.62 -24.02
C ASP A 401 -6.67 -31.24 -24.37
N LEU A 402 -5.98 -30.50 -25.23
CA LEU A 402 -6.44 -29.18 -25.61
C LEU A 402 -7.85 -29.24 -26.17
N THR A 403 -8.70 -28.32 -25.71
CA THR A 403 -10.11 -28.28 -26.10
C THR A 403 -10.38 -26.89 -26.71
N PHE A 404 -9.97 -26.73 -27.96
CA PHE A 404 -10.18 -25.46 -28.66
C PHE A 404 -11.64 -25.07 -28.63
N LEU A 405 -11.90 -23.81 -28.24
CA LEU A 405 -13.25 -23.29 -28.11
C LEU A 405 -13.51 -22.20 -29.14
N LYS A 406 -12.95 -21.01 -28.95
CA LYS A 406 -13.18 -19.90 -29.87
C LYS A 406 -11.86 -19.34 -30.38
N GLU A 407 -11.91 -18.19 -31.05
CA GLU A 407 -10.73 -17.54 -31.60
C GLU A 407 -10.51 -16.22 -30.88
N LEU A 408 -9.23 -15.90 -30.63
CA LEU A 408 -8.85 -14.68 -29.93
C LEU A 408 -8.14 -13.69 -30.84
N GLY A 409 -8.15 -13.92 -32.15
CA GLY A 409 -7.46 -13.07 -33.09
C GLY A 409 -6.22 -13.74 -33.66
N THR A 410 -5.32 -12.90 -34.17
CA THR A 410 -4.08 -13.36 -34.77
C THR A 410 -2.90 -12.58 -34.19
N GLY A 411 -1.73 -13.22 -34.21
CA GLY A 411 -0.52 -12.63 -33.68
C GLY A 411 0.56 -12.47 -34.73
N GLN A 412 1.68 -11.89 -34.30
CA GLN A 412 2.81 -11.69 -35.21
C GLN A 412 3.27 -13.01 -35.80
N PHE A 413 3.25 -14.09 -35.02
CA PHE A 413 3.69 -15.41 -35.45
C PHE A 413 2.55 -16.40 -35.23
N GLY A 414 1.61 -16.40 -36.16
CA GLY A 414 0.52 -17.36 -36.15
C GLY A 414 -0.80 -16.75 -35.75
N VAL A 415 -1.69 -17.62 -35.26
CA VAL A 415 -3.04 -17.27 -34.88
C VAL A 415 -3.33 -17.83 -33.50
N VAL A 416 -4.16 -17.13 -32.75
CA VAL A 416 -4.48 -17.50 -31.37
C VAL A 416 -5.89 -18.06 -31.31
N LYS A 417 -6.19 -18.75 -30.22
CA LYS A 417 -7.53 -19.29 -29.99
C LYS A 417 -7.62 -19.76 -28.54
N TYR A 418 -8.73 -19.45 -27.89
CA TYR A 418 -8.93 -19.80 -26.49
C TYR A 418 -9.55 -21.18 -26.38
N GLY A 419 -8.86 -22.09 -25.69
CA GLY A 419 -9.38 -23.42 -25.46
C GLY A 419 -9.28 -23.82 -24.00
N LYS A 420 -9.42 -25.12 -23.72
CA LYS A 420 -9.34 -25.62 -22.35
C LYS A 420 -8.51 -26.89 -22.33
N TRP A 421 -7.39 -26.85 -21.62
CA TRP A 421 -6.62 -28.05 -21.36
C TRP A 421 -7.43 -29.00 -20.48
N ARG A 422 -7.55 -30.25 -20.92
CA ARG A 422 -8.34 -31.28 -20.26
C ARG A 422 -9.80 -30.86 -20.11
N GLY A 423 -10.23 -29.82 -20.83
CA GLY A 423 -11.58 -29.31 -20.71
C GLY A 423 -11.88 -28.71 -19.35
N GLN A 424 -10.88 -28.62 -18.49
CA GLN A 424 -11.08 -28.11 -17.14
C GLN A 424 -10.15 -26.96 -16.78
N TYR A 425 -9.20 -26.60 -17.63
CA TYR A 425 -8.29 -25.48 -17.37
C TYR A 425 -8.34 -24.49 -18.52
N ASP A 426 -8.75 -23.26 -18.23
CA ASP A 426 -8.87 -22.22 -19.26
C ASP A 426 -7.48 -21.85 -19.78
N VAL A 427 -7.14 -22.32 -20.98
CA VAL A 427 -5.85 -22.03 -21.58
C VAL A 427 -6.07 -21.27 -22.88
N ALA A 428 -5.03 -20.56 -23.32
CA ALA A 428 -5.03 -19.86 -24.59
C ALA A 428 -3.96 -20.47 -25.47
N ILE A 429 -4.38 -21.17 -26.52
CA ILE A 429 -3.44 -21.76 -27.46
C ILE A 429 -3.01 -20.71 -28.46
N ARG A 430 -1.72 -20.68 -28.77
CA ARG A 430 -1.13 -19.79 -29.75
C ARG A 430 -0.48 -20.69 -30.79
N MET A 431 -1.18 -20.94 -31.90
CA MET A 431 -0.60 -21.71 -32.99
C MET A 431 0.29 -20.81 -33.82
N ILE A 432 1.40 -21.35 -34.31
CA ILE A 432 2.41 -20.56 -35.00
C ILE A 432 2.10 -20.45 -36.48
N ARG A 433 2.78 -19.54 -37.17
CA ARG A 433 2.66 -19.36 -38.61
C ARG A 433 3.90 -19.89 -39.30
N GLU A 434 3.72 -20.43 -40.51
CA GLU A 434 4.84 -20.95 -41.27
C GLU A 434 5.84 -19.84 -41.57
N GLY A 435 7.11 -20.12 -41.32
CA GLY A 435 8.15 -19.13 -41.58
C GLY A 435 7.97 -17.85 -40.81
N SER A 436 7.49 -17.93 -39.56
CA SER A 436 7.29 -16.77 -38.71
C SER A 436 8.18 -16.76 -37.49
N MET A 437 8.52 -17.92 -36.93
CA MET A 437 9.37 -18.02 -35.76
C MET A 437 10.36 -19.15 -35.96
N SER A 438 11.45 -19.10 -35.21
CA SER A 438 12.50 -20.13 -35.25
C SER A 438 12.14 -21.18 -34.20
N GLU A 439 11.28 -22.13 -34.60
CA GLU A 439 10.79 -23.14 -33.67
C GLU A 439 11.93 -23.88 -32.97
N ASP A 440 13.05 -24.09 -33.66
CA ASP A 440 14.16 -24.81 -33.06
C ASP A 440 14.71 -24.07 -31.84
N GLU A 441 15.14 -22.82 -32.05
CA GLU A 441 15.67 -22.03 -30.94
C GLU A 441 14.60 -21.80 -29.88
N PHE A 442 13.34 -21.64 -30.31
CA PHE A 442 12.25 -21.44 -29.36
C PHE A 442 12.12 -22.64 -28.42
N ILE A 443 12.12 -23.86 -28.98
CA ILE A 443 12.05 -25.04 -28.14
C ILE A 443 13.32 -25.19 -27.32
N GLU A 444 14.46 -24.77 -27.85
CA GLU A 444 15.71 -24.85 -27.10
C GLU A 444 15.62 -24.05 -25.80
N GLU A 445 15.15 -22.81 -25.89
CA GLU A 445 14.99 -21.95 -24.72
C GLU A 445 13.59 -22.02 -24.12
N ALA A 446 12.78 -23.01 -24.54
CA ALA A 446 11.44 -23.15 -24.00
C ALA A 446 11.46 -23.49 -22.52
N LYS A 447 12.36 -24.38 -22.09
CA LYS A 447 12.47 -24.66 -20.65
C LYS A 447 12.82 -23.40 -19.88
N VAL A 448 13.72 -22.58 -20.43
CA VAL A 448 14.08 -21.32 -19.79
C VAL A 448 12.86 -20.43 -19.63
N MET A 449 12.19 -20.11 -20.75
CA MET A 449 11.01 -19.26 -20.70
C MET A 449 9.91 -19.88 -19.83
N MET A 450 9.90 -21.19 -19.67
CA MET A 450 8.95 -21.85 -18.79
C MET A 450 9.32 -21.66 -17.33
N ASN A 451 10.62 -21.50 -17.04
CA ASN A 451 11.04 -21.24 -15.66
C ASN A 451 10.67 -19.84 -15.19
N LEU A 452 10.15 -18.98 -16.06
CA LEU A 452 9.72 -17.64 -15.70
C LEU A 452 8.28 -17.69 -15.23
N SER A 453 8.03 -17.32 -13.97
CA SER A 453 6.69 -17.38 -13.40
C SER A 453 6.53 -16.26 -12.40
N HIS A 454 5.50 -15.43 -12.59
CA HIS A 454 5.22 -14.32 -11.69
C HIS A 454 3.73 -13.99 -11.78
N GLU A 455 3.22 -13.38 -10.71
CA GLU A 455 1.81 -13.03 -10.66
C GLU A 455 1.42 -12.12 -11.83
N LYS A 456 2.16 -11.02 -12.01
CA LYS A 456 1.91 -10.08 -13.10
C LYS A 456 2.53 -10.52 -14.42
N LEU A 457 2.79 -11.81 -14.59
CA LEU A 457 3.42 -12.35 -15.78
C LEU A 457 2.54 -13.46 -16.34
N VAL A 458 2.26 -13.41 -17.64
CA VAL A 458 1.48 -14.47 -18.27
C VAL A 458 2.16 -15.80 -18.01
N GLN A 459 1.36 -16.80 -17.64
CA GLN A 459 1.89 -18.11 -17.24
C GLN A 459 1.86 -19.03 -18.46
N LEU A 460 3.03 -19.27 -19.04
CA LEU A 460 3.16 -20.24 -20.13
C LEU A 460 2.92 -21.63 -19.56
N TYR A 461 1.85 -22.28 -20.02
CA TYR A 461 1.53 -23.62 -19.55
C TYR A 461 2.43 -24.66 -20.19
N GLY A 462 2.62 -24.57 -21.51
CA GLY A 462 3.47 -25.52 -22.19
C GLY A 462 3.47 -25.28 -23.68
N VAL A 463 4.06 -26.24 -24.40
CA VAL A 463 4.15 -26.18 -25.86
C VAL A 463 3.93 -27.57 -26.43
N CYS A 464 2.98 -27.68 -27.35
CA CYS A 464 2.80 -28.90 -28.15
C CYS A 464 3.74 -28.78 -29.35
N THR A 465 4.89 -29.44 -29.26
CA THR A 465 5.87 -29.45 -30.34
C THR A 465 5.73 -30.65 -31.26
N LYS A 466 5.11 -31.74 -30.79
CA LYS A 466 4.95 -32.92 -31.62
C LYS A 466 4.10 -32.62 -32.85
N GLN A 467 3.16 -31.70 -32.74
CA GLN A 467 2.28 -31.33 -33.85
C GLN A 467 2.73 -30.01 -34.46
N ARG A 468 2.37 -29.82 -35.73
CA ARG A 468 2.69 -28.62 -36.48
C ARG A 468 1.40 -27.91 -36.87
N PRO A 469 1.27 -26.60 -36.62
CA PRO A 469 2.26 -25.68 -36.02
C PRO A 469 2.34 -25.88 -34.50
N ILE A 470 3.53 -25.82 -33.92
CA ILE A 470 3.67 -26.03 -32.48
C ILE A 470 2.78 -25.04 -31.75
N PHE A 471 2.01 -25.55 -30.79
CA PHE A 471 1.00 -24.76 -30.09
C PHE A 471 1.56 -24.30 -28.75
N ILE A 472 1.72 -23.00 -28.56
CA ILE A 472 2.15 -22.44 -27.28
C ILE A 472 0.90 -22.22 -26.44
N ILE A 473 0.67 -23.12 -25.49
CA ILE A 473 -0.48 -23.01 -24.59
C ILE A 473 -0.07 -22.16 -23.40
N THR A 474 -0.70 -21.01 -23.24
CA THR A 474 -0.37 -20.04 -22.20
C THR A 474 -1.63 -19.73 -21.37
N GLU A 475 -1.45 -18.83 -20.41
CA GLU A 475 -2.57 -18.36 -19.62
C GLU A 475 -3.54 -17.56 -20.49
N TYR A 476 -4.82 -17.64 -20.15
CA TYR A 476 -5.87 -16.93 -20.86
C TYR A 476 -6.19 -15.62 -20.17
N MET A 477 -6.35 -14.56 -20.95
CA MET A 477 -6.71 -13.24 -20.45
C MET A 477 -7.96 -12.79 -21.19
N ALA A 478 -9.03 -12.50 -20.43
CA ALA A 478 -10.32 -12.26 -21.05
C ALA A 478 -10.36 -10.95 -21.82
N ASN A 479 -9.77 -9.88 -21.26
CA ASN A 479 -9.87 -8.56 -21.88
C ASN A 479 -8.91 -8.38 -23.04
N GLY A 480 -7.85 -9.18 -23.12
CA GLY A 480 -6.91 -9.04 -24.21
C GLY A 480 -5.94 -7.90 -23.98
N CYS A 481 -5.42 -7.36 -25.08
CA CYS A 481 -4.39 -6.34 -25.00
C CYS A 481 -4.87 -5.12 -24.22
N LEU A 482 -4.09 -4.73 -23.21
CA LEU A 482 -4.44 -3.55 -22.43
C LEU A 482 -4.53 -2.31 -23.32
N LEU A 483 -3.77 -2.28 -24.42
CA LEU A 483 -3.86 -1.15 -25.33
C LEU A 483 -5.28 -0.96 -25.82
N ASN A 484 -5.89 -2.00 -26.38
CA ASN A 484 -7.28 -1.91 -26.79
C ASN A 484 -8.21 -1.78 -25.59
N TYR A 485 -7.79 -2.30 -24.43
CA TYR A 485 -8.60 -2.14 -23.22
C TYR A 485 -8.75 -0.67 -22.85
N LEU A 486 -7.68 0.12 -23.01
CA LEU A 486 -7.73 1.54 -22.69
C LEU A 486 -8.29 2.38 -23.84
N ARG A 487 -8.33 1.84 -25.06
CA ARG A 487 -8.76 2.58 -26.23
C ARG A 487 -10.18 2.24 -26.67
N GLU A 488 -10.78 1.19 -26.12
CA GLU A 488 -12.13 0.79 -26.49
C GLU A 488 -12.95 0.43 -25.26
N MET A 489 -12.36 -0.34 -24.35
CA MET A 489 -13.04 -0.74 -23.11
C MET A 489 -12.94 0.31 -22.02
N ARG A 490 -13.14 1.59 -22.37
CA ARG A 490 -13.08 2.68 -21.41
C ARG A 490 -14.32 2.79 -20.55
N HIS A 491 -15.20 1.78 -20.56
CA HIS A 491 -16.40 1.76 -19.74
C HIS A 491 -16.33 0.68 -18.66
N ARG A 492 -15.12 0.32 -18.24
CA ARG A 492 -14.93 -0.70 -17.21
C ARG A 492 -13.89 -0.33 -16.15
N PHE A 493 -13.12 0.74 -16.33
CA PHE A 493 -12.16 1.20 -15.35
C PHE A 493 -12.36 2.70 -15.11
N GLN A 494 -11.50 3.28 -14.28
CA GLN A 494 -11.57 4.68 -13.93
C GLN A 494 -10.18 5.28 -13.95
N THR A 495 -10.11 6.60 -13.79
CA THR A 495 -8.83 7.31 -13.82
C THR A 495 -7.99 7.07 -12.57
N GLN A 496 -8.53 6.39 -11.56
CA GLN A 496 -7.81 6.09 -10.34
C GLN A 496 -7.29 4.66 -10.29
N GLN A 497 -7.32 3.95 -11.42
CA GLN A 497 -6.87 2.56 -11.49
C GLN A 497 -5.69 2.35 -12.43
N LEU A 498 -5.48 3.24 -13.41
CA LEU A 498 -4.34 3.14 -14.29
C LEU A 498 -3.03 3.14 -13.50
N LEU A 499 -3.00 3.79 -12.35
CA LEU A 499 -1.81 3.73 -11.50
C LEU A 499 -1.57 2.31 -11.01
N GLU A 500 -2.64 1.59 -10.63
CA GLU A 500 -2.51 0.20 -10.24
C GLU A 500 -2.07 -0.66 -11.43
N MET A 501 -2.57 -0.34 -12.63
CA MET A 501 -2.10 -1.05 -13.82
C MET A 501 -0.59 -0.88 -14.00
N CYS A 502 -0.11 0.36 -13.86
CA CYS A 502 1.32 0.61 -13.96
C CYS A 502 2.09 -0.11 -12.87
N LYS A 503 1.52 -0.19 -11.67
CA LYS A 503 2.17 -0.95 -10.60
C LYS A 503 2.30 -2.42 -10.99
N ASP A 504 1.25 -3.01 -11.56
CA ASP A 504 1.31 -4.39 -12.00
C ASP A 504 2.42 -4.58 -13.04
N VAL A 505 2.45 -3.69 -14.04
CA VAL A 505 3.47 -3.80 -15.08
C VAL A 505 4.86 -3.69 -14.46
N CYS A 506 5.03 -2.77 -13.51
CA CYS A 506 6.34 -2.57 -12.90
C CYS A 506 6.75 -3.77 -12.07
N GLU A 507 5.80 -4.42 -11.41
CA GLU A 507 6.10 -5.65 -10.67
C GLU A 507 6.59 -6.73 -11.62
N ALA A 508 5.88 -6.91 -12.74
CA ALA A 508 6.32 -7.89 -13.73
C ALA A 508 7.73 -7.57 -14.23
N MET A 509 8.00 -6.29 -14.51
CA MET A 509 9.32 -5.91 -15.00
C MET A 509 10.39 -6.15 -13.94
N GLU A 510 10.08 -5.87 -12.68
CA GLU A 510 11.04 -6.11 -11.60
C GLU A 510 11.36 -7.59 -11.49
N TYR A 511 10.35 -8.45 -11.61
CA TYR A 511 10.62 -9.88 -11.56
C TYR A 511 11.52 -10.30 -12.72
N LEU A 512 11.14 -9.96 -13.95
CA LEU A 512 11.95 -10.38 -15.09
C LEU A 512 13.33 -9.74 -15.09
N GLU A 513 13.51 -8.62 -14.38
CA GLU A 513 14.84 -8.06 -14.19
C GLU A 513 15.63 -8.89 -13.18
N SER A 514 14.98 -9.27 -12.07
CA SER A 514 15.63 -10.18 -11.13
C SER A 514 16.08 -11.46 -11.82
N LYS A 515 15.34 -11.89 -12.84
CA LYS A 515 15.71 -13.08 -13.61
C LYS A 515 16.73 -12.78 -14.71
N GLN A 516 17.27 -11.56 -14.77
CA GLN A 516 18.22 -11.18 -15.82
C GLN A 516 17.64 -11.41 -17.21
N PHE A 517 16.32 -11.30 -17.33
CA PHE A 517 15.61 -11.47 -18.60
C PHE A 517 15.12 -10.10 -19.06
N LEU A 518 15.13 -9.88 -20.37
CA LEU A 518 14.77 -8.60 -20.96
C LEU A 518 13.51 -8.78 -21.80
N HIS A 519 12.46 -8.04 -21.47
CA HIS A 519 11.23 -8.09 -22.24
C HIS A 519 11.50 -7.81 -23.71
N ARG A 520 12.39 -6.85 -23.99
CA ARG A 520 12.77 -6.53 -25.36
C ARG A 520 11.70 -5.68 -26.05
N ASP A 521 10.43 -6.03 -25.88
CA ASP A 521 9.32 -5.30 -26.50
C ASP A 521 8.23 -5.07 -25.46
N LEU A 522 8.24 -3.90 -24.82
CA LEU A 522 7.33 -3.58 -23.73
C LEU A 522 6.41 -2.45 -24.16
N ALA A 523 5.10 -2.68 -24.09
CA ALA A 523 4.11 -1.72 -24.55
C ALA A 523 2.72 -2.25 -24.21
N ALA A 524 1.74 -1.33 -24.16
CA ALA A 524 0.38 -1.72 -23.81
C ALA A 524 -0.12 -2.82 -24.74
N ARG A 525 0.23 -2.73 -26.02
CA ARG A 525 -0.11 -3.78 -26.97
C ARG A 525 0.43 -5.13 -26.51
N ASN A 526 1.64 -5.14 -25.94
CA ASN A 526 2.29 -6.36 -25.48
C ASN A 526 1.90 -6.74 -24.05
N CYS A 527 0.84 -6.16 -23.51
CA CYS A 527 0.33 -6.48 -22.19
C CYS A 527 -1.14 -6.87 -22.30
N LEU A 528 -1.55 -7.85 -21.50
CA LEU A 528 -2.92 -8.34 -21.51
C LEU A 528 -3.60 -8.01 -20.19
N VAL A 529 -4.92 -8.17 -20.17
CA VAL A 529 -5.74 -7.92 -18.99
C VAL A 529 -6.75 -9.04 -18.86
N ASN A 530 -7.02 -9.46 -17.63
CA ASN A 530 -7.94 -10.55 -17.35
C ASN A 530 -9.26 -9.99 -16.80
N ASP A 531 -10.19 -10.90 -16.52
CA ASP A 531 -11.52 -10.49 -16.07
C ASP A 531 -11.44 -9.64 -14.80
N GLN A 532 -10.52 -9.97 -13.90
CA GLN A 532 -10.37 -9.21 -12.65
C GLN A 532 -9.85 -7.80 -12.90
N GLY A 533 -9.42 -7.48 -14.12
CA GLY A 533 -8.90 -6.16 -14.42
C GLY A 533 -7.42 -5.99 -14.18
N VAL A 534 -6.72 -7.04 -13.76
CA VAL A 534 -5.28 -6.95 -13.50
C VAL A 534 -4.53 -7.14 -14.80
N VAL A 535 -3.56 -6.27 -15.05
CA VAL A 535 -2.76 -6.32 -16.27
C VAL A 535 -1.51 -7.15 -16.02
N LYS A 536 -1.08 -7.87 -17.05
CA LYS A 536 0.09 -8.72 -16.98
C LYS A 536 0.87 -8.64 -18.29
N VAL A 537 2.20 -8.65 -18.19
CA VAL A 537 3.02 -8.62 -19.39
C VAL A 537 2.98 -9.99 -20.08
N SER A 538 3.24 -9.96 -21.38
CA SER A 538 3.20 -11.17 -22.18
C SER A 538 4.22 -11.08 -23.30
N ASP A 539 4.39 -12.18 -24.03
CA ASP A 539 5.37 -12.27 -25.12
C ASP A 539 6.74 -11.80 -24.64
N PHE A 540 7.09 -12.18 -23.42
CA PHE A 540 8.36 -11.76 -22.82
C PHE A 540 9.53 -12.38 -23.57
N GLY A 541 10.33 -11.54 -24.22
CA GLY A 541 11.54 -11.98 -24.87
C GLY A 541 11.35 -12.87 -26.07
N MET A 542 10.19 -12.78 -26.74
CA MET A 542 9.94 -13.59 -27.92
C MET A 542 10.58 -13.02 -29.18
N THR A 543 11.13 -11.81 -29.11
CA THR A 543 11.75 -11.19 -30.29
C THR A 543 12.80 -12.10 -30.89
N ARG A 544 13.60 -12.75 -30.03
CA ARG A 544 14.67 -13.63 -30.51
C ARG A 544 14.17 -14.68 -31.49
N TYR A 545 12.87 -14.95 -31.52
CA TYR A 545 12.28 -15.95 -32.40
C TYR A 545 11.33 -15.30 -33.41
N VAL A 546 11.73 -14.17 -33.96
CA VAL A 546 10.99 -13.49 -35.02
C VAL A 546 11.75 -13.64 -36.32
N LEU A 547 11.02 -13.80 -37.42
CA LEU A 547 11.61 -13.94 -38.74
C LEU A 547 11.38 -12.74 -39.64
N ASP A 548 10.50 -11.82 -39.27
CA ASP A 548 10.24 -10.63 -40.08
C ASP A 548 11.42 -9.66 -39.92
N ASP A 549 12.20 -9.50 -40.99
CA ASP A 549 13.33 -8.59 -40.93
C ASP A 549 12.87 -7.15 -40.68
N GLU A 550 11.75 -6.75 -41.31
CA GLU A 550 11.25 -5.40 -41.13
C GLU A 550 10.89 -5.11 -39.68
N TYR A 551 10.71 -6.14 -38.86
CA TYR A 551 10.44 -5.96 -37.43
C TYR A 551 11.67 -6.17 -36.56
N THR A 552 12.57 -7.09 -36.94
CA THR A 552 13.74 -7.36 -36.14
C THR A 552 14.79 -6.27 -36.31
N SER A 553 15.08 -5.88 -37.55
CA SER A 553 16.09 -4.88 -37.80
C SER A 553 15.75 -3.56 -37.11
N SER A 554 16.78 -2.83 -36.70
CA SER A 554 16.57 -1.55 -36.05
C SER A 554 16.03 -0.50 -37.02
N THR A 555 16.38 -0.61 -38.30
CA THR A 555 15.93 0.33 -39.32
C THR A 555 14.72 -0.17 -40.10
N GLY A 556 14.16 -1.31 -39.71
CA GLY A 556 13.00 -1.85 -40.40
C GLY A 556 11.78 -0.95 -40.25
N SER A 557 10.71 -1.33 -40.95
CA SER A 557 9.47 -0.56 -40.93
C SER A 557 8.58 -0.95 -39.76
N LYS A 558 8.45 -2.25 -39.48
CA LYS A 558 7.63 -2.73 -38.38
C LYS A 558 8.31 -2.61 -37.02
N PHE A 559 9.50 -2.01 -36.97
CA PHE A 559 10.22 -1.88 -35.70
C PHE A 559 9.56 -0.83 -34.83
N PRO A 560 9.31 -1.11 -33.52
CA PRO A 560 8.65 -0.09 -32.67
C PRO A 560 9.59 1.02 -32.21
N VAL A 561 9.86 1.96 -33.11
CA VAL A 561 10.71 3.09 -32.77
C VAL A 561 10.04 3.96 -31.71
N LYS A 562 8.71 3.98 -31.68
CA LYS A 562 8.00 4.79 -30.69
C LYS A 562 8.44 4.46 -29.28
N TRP A 563 8.59 3.16 -28.98
CA TRP A 563 9.02 2.71 -27.66
C TRP A 563 10.51 2.45 -27.59
N ALA A 564 11.20 2.38 -28.73
CA ALA A 564 12.64 2.18 -28.72
C ALA A 564 13.34 3.27 -27.91
N SER A 565 14.60 3.02 -27.59
CA SER A 565 15.43 3.91 -26.79
C SER A 565 16.57 4.47 -27.63
N PRO A 566 17.28 5.48 -27.10
CA PRO A 566 18.39 6.09 -27.87
C PRO A 566 19.45 5.08 -28.31
N GLU A 567 20.06 4.38 -27.35
CA GLU A 567 21.14 3.46 -27.70
C GLU A 567 20.63 2.35 -28.62
N VAL A 568 19.40 1.89 -28.40
CA VAL A 568 18.81 0.90 -29.30
C VAL A 568 18.76 1.45 -30.73
N LEU A 569 18.05 2.55 -30.92
CA LEU A 569 17.90 3.11 -32.26
C LEU A 569 19.24 3.42 -32.92
N MET A 570 20.26 3.74 -32.12
CA MET A 570 21.56 4.15 -32.68
C MET A 570 22.43 2.93 -32.99
N TYR A 571 22.90 2.23 -31.95
CA TYR A 571 23.86 1.15 -32.11
C TYR A 571 23.27 -0.23 -31.86
N SER A 572 21.99 -0.32 -31.46
CA SER A 572 21.34 -1.60 -31.19
C SER A 572 21.92 -2.24 -29.93
N LYS A 573 22.06 -1.43 -28.88
CA LYS A 573 22.56 -1.91 -27.59
C LYS A 573 21.41 -2.02 -26.59
N PHE A 574 20.46 -2.91 -26.86
CA PHE A 574 19.35 -3.12 -25.95
C PHE A 574 19.86 -3.56 -24.58
N SER A 575 19.09 -3.26 -23.55
CA SER A 575 19.50 -3.59 -22.18
C SER A 575 18.34 -3.31 -21.24
N SER A 576 18.57 -3.58 -19.95
CA SER A 576 17.57 -3.26 -18.93
C SER A 576 17.24 -1.78 -18.94
N LYS A 577 18.21 -0.92 -19.27
CA LYS A 577 17.91 0.50 -19.42
C LYS A 577 16.92 0.73 -20.55
N SER A 578 17.05 -0.02 -21.64
CA SER A 578 16.09 0.09 -22.73
C SER A 578 14.71 -0.39 -22.29
N ASP A 579 14.67 -1.48 -21.51
CA ASP A 579 13.40 -1.93 -20.98
C ASP A 579 12.76 -0.88 -20.07
N ILE A 580 13.59 -0.17 -19.30
CA ILE A 580 13.08 0.89 -18.43
C ILE A 580 12.53 2.04 -19.26
N TRP A 581 13.23 2.40 -20.34
CA TRP A 581 12.72 3.40 -21.27
C TRP A 581 11.35 2.98 -21.81
N ALA A 582 11.25 1.74 -22.27
CA ALA A 582 9.98 1.25 -22.79
C ALA A 582 8.89 1.24 -21.71
N PHE A 583 9.26 0.96 -20.46
CA PHE A 583 8.28 1.00 -19.39
C PHE A 583 7.79 2.41 -19.13
N GLY A 584 8.70 3.39 -19.20
CA GLY A 584 8.27 4.77 -19.10
C GLY A 584 7.31 5.15 -20.21
N VAL A 585 7.61 4.70 -21.44
CA VAL A 585 6.69 4.95 -22.56
C VAL A 585 5.34 4.28 -22.29
N LEU A 586 5.36 3.08 -21.72
CA LEU A 586 4.13 2.38 -21.42
C LEU A 586 3.30 3.14 -20.39
N MET A 587 3.96 3.67 -19.37
CA MET A 587 3.25 4.49 -18.38
C MET A 587 2.66 5.73 -19.04
N TRP A 588 3.43 6.38 -19.92
CA TRP A 588 2.92 7.56 -20.61
C TRP A 588 1.66 7.23 -21.39
N GLU A 589 1.68 6.12 -22.14
CA GLU A 589 0.50 5.78 -22.95
C GLU A 589 -0.65 5.30 -22.08
N ILE A 590 -0.38 4.64 -20.96
CA ILE A 590 -1.44 4.27 -20.02
C ILE A 590 -2.14 5.52 -19.53
N TYR A 591 -1.37 6.54 -19.15
CA TYR A 591 -1.96 7.79 -18.69
C TYR A 591 -2.58 8.60 -19.82
N SER A 592 -2.18 8.33 -21.07
CA SER A 592 -2.78 8.99 -22.23
C SER A 592 -4.02 8.28 -22.74
N LEU A 593 -4.41 7.16 -22.12
CA LEU A 593 -5.57 6.37 -22.51
C LEU A 593 -5.33 5.56 -23.78
N GLY A 594 -4.09 5.48 -24.24
CA GLY A 594 -3.75 4.70 -25.42
C GLY A 594 -3.27 5.50 -26.62
N LYS A 595 -3.26 6.83 -26.52
CA LYS A 595 -2.76 7.64 -27.63
C LYS A 595 -1.35 7.23 -28.01
N MET A 596 -1.08 7.18 -29.30
CA MET A 596 0.22 6.73 -29.78
C MET A 596 1.28 7.78 -29.46
N PRO A 597 2.45 7.36 -28.96
CA PRO A 597 3.52 8.35 -28.71
C PRO A 597 3.97 9.03 -29.99
N TYR A 598 4.11 10.35 -29.91
CA TYR A 598 4.59 11.15 -31.05
C TYR A 598 3.68 10.95 -32.26
N GLU A 599 2.38 11.17 -32.06
CA GLU A 599 1.43 10.96 -33.13
C GLU A 599 1.74 11.83 -34.34
N ARG A 600 2.37 12.99 -34.13
CA ARG A 600 2.66 13.91 -35.22
C ARG A 600 4.00 13.64 -35.89
N PHE A 601 4.97 13.12 -35.14
CA PHE A 601 6.32 12.94 -35.65
C PHE A 601 6.43 11.63 -36.44
N THR A 602 7.60 11.40 -37.01
CA THR A 602 7.90 10.21 -37.79
C THR A 602 9.05 9.46 -37.12
N ASN A 603 9.46 8.36 -37.76
CA ASN A 603 10.50 7.51 -37.17
C ASN A 603 11.81 8.26 -37.01
N SER A 604 12.12 9.18 -37.92
CA SER A 604 13.36 9.93 -37.87
C SER A 604 13.25 11.18 -37.00
N GLU A 605 12.15 11.91 -37.11
CA GLU A 605 11.95 13.09 -36.26
C GLU A 605 11.88 12.69 -34.79
N THR A 606 11.36 11.51 -34.48
CA THR A 606 11.32 11.05 -33.10
C THR A 606 12.74 10.90 -32.54
N ALA A 607 13.64 10.27 -33.30
CA ALA A 607 15.02 10.16 -32.87
C ALA A 607 15.67 11.53 -32.77
N GLU A 608 15.40 12.41 -33.74
CA GLU A 608 15.93 13.77 -33.70
C GLU A 608 15.56 14.44 -32.39
N HIS A 609 14.28 14.38 -32.01
CA HIS A 609 13.82 15.08 -30.82
C HIS A 609 14.29 14.40 -29.54
N ILE A 610 14.41 13.08 -29.55
CA ILE A 610 14.95 12.38 -28.38
C ILE A 610 16.40 12.75 -28.17
N ALA A 611 17.15 12.96 -29.26
CA ALA A 611 18.55 13.35 -29.13
C ALA A 611 18.66 14.80 -28.68
N GLN A 612 17.87 15.70 -29.27
CA GLN A 612 17.93 17.11 -28.90
C GLN A 612 17.61 17.30 -27.41
N GLY A 613 16.77 16.44 -26.85
CA GLY A 613 16.42 16.52 -25.44
C GLY A 613 14.92 16.49 -25.20
N LEU A 614 14.14 16.48 -26.28
CA LEU A 614 12.69 16.47 -26.14
C LEU A 614 12.22 15.16 -25.50
N ARG A 615 11.11 15.26 -24.76
CA ARG A 615 10.51 14.11 -24.11
C ARG A 615 9.00 14.18 -24.28
N LEU A 616 8.36 13.02 -24.13
CA LEU A 616 6.91 12.97 -24.28
C LEU A 616 6.24 13.91 -23.29
N PRO A 617 5.15 14.59 -23.68
CA PRO A 617 4.52 15.55 -22.75
C PRO A 617 3.79 14.86 -21.61
N ARG A 618 3.15 15.66 -20.74
CA ARG A 618 2.45 15.12 -19.60
C ARG A 618 0.98 14.91 -19.94
N PRO A 619 0.45 13.69 -19.89
CA PRO A 619 -0.98 13.49 -20.14
C PRO A 619 -1.83 14.33 -19.21
N HIS A 620 -3.04 14.64 -19.66
CA HIS A 620 -3.92 15.51 -18.88
C HIS A 620 -4.28 14.90 -17.53
N LEU A 621 -4.22 13.57 -17.40
CA LEU A 621 -4.60 12.88 -16.18
C LEU A 621 -3.41 12.56 -15.28
N ALA A 622 -2.19 12.77 -15.76
CA ALA A 622 -0.99 12.41 -15.01
C ALA A 622 -0.61 13.54 -14.07
N SER A 623 -0.39 13.21 -12.80
CA SER A 623 0.13 14.18 -11.86
C SER A 623 1.61 14.44 -12.14
N GLU A 624 2.10 15.59 -11.65
CA GLU A 624 3.50 15.92 -11.84
C GLU A 624 4.41 14.85 -11.26
N ARG A 625 3.96 14.15 -10.21
CA ARG A 625 4.79 13.11 -9.60
C ARG A 625 4.99 11.93 -10.54
N VAL A 626 3.90 11.37 -11.06
CA VAL A 626 4.00 10.25 -11.99
C VAL A 626 4.70 10.69 -13.27
N TYR A 627 4.52 11.96 -13.66
CA TYR A 627 5.23 12.46 -14.83
C TYR A 627 6.74 12.47 -14.58
N THR A 628 7.15 12.92 -13.39
CA THR A 628 8.56 12.88 -13.04
C THR A 628 9.08 11.44 -13.03
N ILE A 629 8.26 10.50 -12.57
CA ILE A 629 8.65 9.10 -12.60
C ILE A 629 8.94 8.66 -14.04
N MET A 630 7.91 8.74 -14.90
CA MET A 630 8.08 8.29 -16.28
C MET A 630 9.12 9.11 -17.03
N TYR A 631 9.46 10.30 -16.53
CA TYR A 631 10.51 11.11 -17.15
C TYR A 631 11.89 10.61 -16.74
N SER A 632 12.07 10.32 -15.44
CA SER A 632 13.29 9.65 -15.00
C SER A 632 13.49 8.35 -15.75
N CYS A 633 12.40 7.67 -16.11
CA CYS A 633 12.53 6.48 -16.95
C CYS A 633 13.19 6.78 -18.29
N TRP A 634 13.19 8.05 -18.72
CA TRP A 634 13.70 8.45 -20.03
C TRP A 634 14.98 9.27 -19.91
N HIS A 635 15.85 8.92 -18.96
CA HIS A 635 17.10 9.65 -18.80
C HIS A 635 18.02 9.37 -19.97
N GLU A 636 18.65 10.43 -20.49
CA GLU A 636 19.54 10.27 -21.65
C GLU A 636 20.65 9.27 -21.35
N LYS A 637 21.28 9.40 -20.19
CA LYS A 637 22.34 8.47 -19.80
C LYS A 637 21.71 7.18 -19.28
N ALA A 638 21.91 6.09 -20.02
CA ALA A 638 21.32 4.81 -19.62
C ALA A 638 21.77 4.40 -18.23
N ASP A 639 23.05 4.57 -17.92
CA ASP A 639 23.56 4.21 -16.60
C ASP A 639 22.86 4.97 -15.48
N GLU A 640 22.22 6.10 -15.80
CA GLU A 640 21.51 6.88 -14.81
C GLU A 640 20.03 6.52 -14.69
N ARG A 641 19.51 5.72 -15.61
CA ARG A 641 18.08 5.39 -15.58
C ARG A 641 17.76 4.58 -14.33
N PRO A 642 16.57 4.77 -13.74
CA PRO A 642 16.23 4.06 -12.51
C PRO A 642 16.16 2.56 -12.73
N SER A 643 16.14 1.83 -11.61
CA SER A 643 15.90 0.40 -11.61
C SER A 643 14.42 0.12 -11.35
N PHE A 644 13.96 -1.05 -11.82
CA PHE A 644 12.55 -1.39 -11.65
C PHE A 644 12.18 -1.52 -10.19
N LYS A 645 13.12 -1.90 -9.32
CA LYS A 645 12.81 -2.02 -7.91
C LYS A 645 12.47 -0.66 -7.31
N ILE A 646 13.33 0.33 -7.53
CA ILE A 646 13.05 1.67 -7.00
C ILE A 646 11.87 2.31 -7.72
N LEU A 647 11.67 1.97 -9.00
CA LEU A 647 10.48 2.44 -9.69
C LEU A 647 9.21 1.92 -9.02
N LEU A 648 9.20 0.64 -8.67
CA LEU A 648 8.05 0.07 -7.97
C LEU A 648 7.88 0.70 -6.59
N SER A 649 8.99 0.94 -5.90
CA SER A 649 8.91 1.62 -4.61
C SER A 649 8.24 2.99 -4.74
N ASN A 650 8.68 3.77 -5.74
CA ASN A 650 8.12 5.10 -5.93
C ASN A 650 6.66 5.03 -6.36
N ILE A 651 6.31 4.04 -7.19
CA ILE A 651 4.92 3.89 -7.61
C ILE A 651 4.04 3.56 -6.41
N LEU A 652 4.53 2.69 -5.51
CA LEU A 652 3.79 2.38 -4.31
C LEU A 652 3.65 3.61 -3.42
N ASP A 653 4.71 4.42 -3.33
CA ASP A 653 4.64 5.64 -2.53
C ASP A 653 3.57 6.58 -3.07
N VAL A 654 3.61 6.86 -4.38
CA VAL A 654 2.63 7.77 -4.96
C VAL A 654 1.23 7.18 -4.88
N MET A 655 1.10 5.85 -4.90
CA MET A 655 -0.20 5.22 -4.77
C MET A 655 -0.75 5.42 -3.36
N ASP A 656 0.07 5.18 -2.34
CA ASP A 656 -0.36 5.42 -0.97
C ASP A 656 -0.68 6.90 -0.74
N GLU A 657 0.00 7.79 -1.45
CA GLU A 657 -0.30 9.21 -1.32
C GLU A 657 -1.65 9.54 -1.98
N GLU A 658 -1.87 9.05 -3.20
CA GLU A 658 -3.15 9.23 -3.86
C GLU A 658 -4.29 8.72 -2.99
N SER A 659 -4.11 7.55 -2.39
CA SER A 659 -5.14 6.95 -1.55
C SER A 659 -5.13 7.55 -0.15
#